data_7QF9
#
_entry.id   7QF9
#
_cell.length_a   34.626
_cell.length_b   82.789
_cell.length_c   112.467
_cell.angle_alpha   90.000
_cell.angle_beta   90.000
_cell.angle_gamma   90.000
#
_symmetry.space_group_name_H-M   'P 21 21 21'
#
loop_
_entity.id
_entity.type
_entity.pdbx_description
1 polymer "Retinal rod rhodopsin-sensitive cGMP 3',5'-cyclic phosphodiesterase subunit delta"
2 polymer 'HRas peptide'
3 non-polymer FARNESYL
4 non-polymer O-METHYLCYSTEINE
5 non-polymer 1,2-ETHANEDIOL
6 water water
#
loop_
_entity_poly.entity_id
_entity_poly.type
_entity_poly.pdbx_seq_one_letter_code
_entity_poly.pdbx_strand_id
1 'polypeptide(L)'
;SAKDERAREILRGFKLNWMNLRDAETGKILWQGTEDLSVPGVEHEARVPKKILKCKAVSRELNFSSTEQMEKFRLEQKVY
FKGQCLEEWFFEFGFVIPNSTNTWQSLIEAAPESQMMPASVLTGNVIIETKFFDDDLLVSTSRVRLFYV
;
BBB,AAA
2 'polypeptide(L)' SGPGCMSCK(CMT) EEE
#
loop_
_chem_comp.id
_chem_comp.type
_chem_comp.name
_chem_comp.formula
EDO non-polymer 1,2-ETHANEDIOL 'C2 H6 O2'
FAR non-polymer FARNESYL 'C15 H26'
#
# COMPACT_ATOMS: atom_id res chain seq x y z
N SER A 1 -20.29 7.16 4.07
CA SER A 1 -20.42 8.14 2.96
C SER A 1 -21.65 7.81 2.11
N ALA A 2 -21.79 8.49 0.97
CA ALA A 2 -22.97 8.32 0.08
C ALA A 2 -23.03 6.89 -0.43
N LYS A 3 -21.90 6.35 -0.91
CA LYS A 3 -21.80 4.90 -1.20
C LYS A 3 -22.14 4.10 0.06
N ASP A 4 -22.96 3.05 -0.12
CA ASP A 4 -23.79 2.43 0.95
C ASP A 4 -23.05 2.35 2.29
N GLU A 5 -23.73 2.73 3.37
N GLU A 5 -23.74 2.74 3.36
CA GLU A 5 -23.26 2.39 4.74
CA GLU A 5 -23.34 2.40 4.76
C GLU A 5 -23.33 0.87 4.93
C GLU A 5 -23.35 0.88 4.94
N ARG A 6 -24.08 0.17 4.08
CA ARG A 6 -24.13 -1.32 4.14
C ARG A 6 -22.73 -1.89 3.91
N ALA A 7 -21.99 -1.37 2.93
CA ALA A 7 -20.61 -1.80 2.68
C ALA A 7 -19.79 -1.69 3.98
N ARG A 8 -19.95 -0.57 4.69
CA ARG A 8 -19.22 -0.40 5.97
C ARG A 8 -19.81 -1.35 7.02
N GLU A 9 -21.13 -1.55 6.99
CA GLU A 9 -21.78 -2.51 7.92
C GLU A 9 -21.20 -3.91 7.69
N ILE A 10 -21.14 -4.35 6.43
CA ILE A 10 -20.60 -5.71 6.11
C ILE A 10 -19.17 -5.81 6.65
N LEU A 11 -18.37 -4.78 6.39
CA LEU A 11 -16.93 -4.83 6.76
C LEU A 11 -16.79 -4.97 8.28
N ARG A 12 -17.57 -4.20 9.05
CA ARG A 12 -17.43 -4.23 10.53
C ARG A 12 -17.84 -5.61 11.05
N GLY A 13 -18.79 -6.27 10.38
CA GLY A 13 -19.26 -7.60 10.81
C GLY A 13 -18.45 -8.72 10.22
N PHE A 14 -17.53 -8.42 9.32
CA PHE A 14 -16.77 -9.45 8.57
C PHE A 14 -15.45 -9.73 9.29
N LYS A 15 -15.12 -11.03 9.39
CA LYS A 15 -13.81 -11.46 9.93
C LYS A 15 -13.29 -12.62 9.07
N LEU A 16 -12.02 -12.54 8.67
CA LEU A 16 -11.35 -13.73 8.09
C LEU A 16 -10.62 -14.45 9.23
N ASN A 17 -11.09 -15.67 9.53
CA ASN A 17 -10.64 -16.38 10.75
C ASN A 17 -9.28 -17.04 10.49
N TRP A 18 -9.18 -17.78 9.38
CA TRP A 18 -7.90 -18.47 9.05
C TRP A 18 -7.88 -18.76 7.55
N MET A 19 -6.68 -19.08 7.08
CA MET A 19 -6.46 -19.36 5.64
C MET A 19 -5.45 -20.50 5.52
N ASN A 20 -5.68 -21.35 4.52
CA ASN A 20 -4.77 -22.49 4.25
C ASN A 20 -4.29 -22.40 2.80
N LEU A 21 -3.07 -22.89 2.57
CA LEU A 21 -2.62 -23.25 1.20
C LEU A 21 -2.28 -24.74 1.19
N ARG A 22 -2.94 -25.47 0.29
CA ARG A 22 -2.75 -26.94 0.21
C ARG A 22 -2.15 -27.29 -1.15
N ASP A 23 -1.34 -28.35 -1.15
CA ASP A 23 -1.01 -29.08 -2.42
C ASP A 23 -2.31 -29.67 -2.99
N ALA A 24 -2.74 -29.16 -4.14
CA ALA A 24 -4.03 -29.60 -4.73
C ALA A 24 -4.01 -31.09 -5.04
N GLU A 25 -2.82 -31.67 -5.28
CA GLU A 25 -2.73 -33.09 -5.71
C GLU A 25 -2.76 -34.04 -4.51
N THR A 26 -2.16 -33.63 -3.39
CA THR A 26 -2.03 -34.52 -2.21
C THR A 26 -2.87 -34.06 -1.02
N GLY A 27 -3.12 -32.75 -0.91
CA GLY A 27 -3.91 -32.20 0.22
C GLY A 27 -3.03 -31.84 1.41
N LYS A 28 -1.71 -32.00 1.31
CA LYS A 28 -0.83 -31.48 2.39
C LYS A 28 -1.02 -29.97 2.57
N ILE A 29 -1.22 -29.56 3.82
CA ILE A 29 -1.24 -28.12 4.20
C ILE A 29 0.20 -27.60 4.18
N LEU A 30 0.47 -26.64 3.28
CA LEU A 30 1.85 -26.13 3.12
C LEU A 30 2.05 -24.86 3.95
N TRP A 31 0.95 -24.14 4.21
CA TRP A 31 1.04 -22.80 4.84
C TRP A 31 -0.33 -22.53 5.49
N GLN A 32 -0.28 -21.96 6.70
CA GLN A 32 -1.53 -21.60 7.38
C GLN A 32 -1.33 -20.28 8.13
N GLY A 33 -2.39 -19.46 8.13
CA GLY A 33 -2.38 -18.18 8.84
C GLY A 33 -3.68 -18.02 9.60
N THR A 34 -3.62 -17.27 10.70
CA THR A 34 -4.85 -16.91 11.46
C THR A 34 -5.01 -15.39 11.54
N GLU A 35 -4.15 -14.65 10.84
CA GLU A 35 -4.24 -13.17 10.86
C GLU A 35 -5.26 -12.73 9.79
N ASP A 36 -6.07 -11.75 10.16
CA ASP A 36 -7.11 -11.22 9.23
C ASP A 36 -6.44 -10.41 8.12
N LEU A 37 -6.08 -11.09 7.02
CA LEU A 37 -5.37 -10.45 5.89
C LEU A 37 -6.36 -9.61 5.06
N SER A 38 -7.62 -9.52 5.48
CA SER A 38 -8.66 -8.74 4.76
C SER A 38 -8.77 -7.32 5.29
N VAL A 39 -8.10 -7.01 6.41
CA VAL A 39 -8.19 -5.67 7.04
C VAL A 39 -7.63 -4.63 6.08
N PRO A 40 -8.44 -3.63 5.67
CA PRO A 40 -7.95 -2.60 4.76
C PRO A 40 -7.02 -1.58 5.44
N GLY A 41 -6.24 -0.88 4.61
CA GLY A 41 -5.53 0.34 5.01
C GLY A 41 -4.13 0.06 5.55
N VAL A 42 -3.74 -1.21 5.62
CA VAL A 42 -2.35 -1.57 6.03
C VAL A 42 -1.82 -2.61 5.05
N GLU A 43 -0.50 -2.56 4.80
CA GLU A 43 0.16 -3.58 3.95
C GLU A 43 0.49 -4.80 4.83
N HIS A 44 -0.38 -5.81 4.75
CA HIS A 44 -0.09 -7.12 5.40
C HIS A 44 1.12 -7.78 4.76
N GLU A 45 1.76 -8.67 5.53
CA GLU A 45 2.83 -9.56 5.02
C GLU A 45 2.38 -11.00 5.17
N ALA A 46 2.74 -11.82 4.17
CA ALA A 46 2.58 -13.28 4.23
C ALA A 46 3.93 -13.93 3.89
N ARG A 47 4.38 -14.83 4.77
CA ARG A 47 5.63 -15.58 4.53
C ARG A 47 5.27 -17.06 4.31
N VAL A 48 5.34 -17.47 3.05
N VAL A 48 5.33 -17.49 3.06
CA VAL A 48 4.94 -18.85 2.64
CA VAL A 48 4.92 -18.88 2.71
C VAL A 48 6.22 -19.61 2.27
C VAL A 48 6.17 -19.62 2.24
N PRO A 49 6.27 -20.94 2.49
CA PRO A 49 7.45 -21.71 2.12
C PRO A 49 7.67 -21.72 0.60
N LYS A 50 8.93 -21.55 0.20
CA LYS A 50 9.32 -21.53 -1.24
C LYS A 50 8.86 -22.82 -1.93
N LYS A 51 8.72 -23.92 -1.19
CA LYS A 51 8.33 -25.22 -1.79
C LYS A 51 6.97 -25.09 -2.48
N ILE A 52 6.17 -24.09 -2.12
CA ILE A 52 4.82 -23.96 -2.75
C ILE A 52 4.97 -23.78 -4.26
N LEU A 53 6.05 -23.14 -4.71
CA LEU A 53 6.27 -22.90 -6.16
C LEU A 53 6.49 -24.23 -6.89
N LYS A 54 6.71 -25.31 -6.14
CA LYS A 54 6.93 -26.68 -6.70
C LYS A 54 5.61 -27.31 -7.14
N CYS A 55 4.48 -26.84 -6.59
CA CYS A 55 3.17 -27.51 -6.79
C CYS A 55 2.62 -27.22 -8.19
N LYS A 56 1.93 -28.22 -8.77
CA LYS A 56 1.26 -28.03 -10.08
C LYS A 56 0.01 -27.17 -9.89
N ALA A 57 -0.65 -27.32 -8.74
CA ALA A 57 -1.81 -26.46 -8.40
C ALA A 57 -1.90 -26.40 -6.87
N VAL A 58 -2.48 -25.31 -6.37
N VAL A 58 -2.53 -25.33 -6.37
CA VAL A 58 -2.71 -25.18 -4.90
CA VAL A 58 -2.68 -25.11 -4.91
C VAL A 58 -4.19 -24.92 -4.66
C VAL A 58 -4.16 -24.84 -4.60
N SER A 59 -4.66 -25.44 -3.53
CA SER A 59 -6.04 -25.19 -3.04
C SER A 59 -5.94 -24.22 -1.86
N ARG A 60 -6.61 -23.07 -2.00
CA ARG A 60 -6.58 -22.03 -0.95
C ARG A 60 -7.93 -22.07 -0.22
N GLU A 61 -7.86 -22.25 1.10
CA GLU A 61 -9.09 -22.23 1.94
C GLU A 61 -9.14 -20.90 2.70
N LEU A 62 -10.30 -20.22 2.59
CA LEU A 62 -10.58 -19.00 3.39
C LEU A 62 -11.77 -19.32 4.30
N ASN A 63 -11.52 -19.30 5.61
CA ASN A 63 -12.61 -19.43 6.61
C ASN A 63 -12.95 -18.03 7.12
N PHE A 64 -14.21 -17.62 6.92
CA PHE A 64 -14.62 -16.23 7.23
C PHE A 64 -15.95 -16.26 7.97
N SER A 65 -16.13 -15.22 8.78
CA SER A 65 -17.43 -14.98 9.49
C SER A 65 -18.01 -13.66 8.98
N SER A 66 -19.33 -13.61 8.91
CA SER A 66 -20.03 -12.38 8.44
C SER A 66 -21.34 -12.25 9.22
N THR A 67 -21.45 -11.21 10.05
CA THR A 67 -22.74 -10.93 10.73
C THR A 67 -23.78 -10.52 9.68
N GLU A 68 -23.34 -9.80 8.65
CA GLU A 68 -24.27 -9.24 7.65
C GLU A 68 -24.50 -10.27 6.53
N GLN A 69 -25.75 -10.32 6.07
CA GLN A 69 -26.09 -11.08 4.83
C GLN A 69 -25.33 -10.48 3.64
N MET A 70 -24.94 -11.36 2.71
CA MET A 70 -24.44 -10.91 1.38
C MET A 70 -25.12 -11.75 0.30
N GLU A 71 -25.50 -11.10 -0.79
CA GLU A 71 -26.26 -11.79 -1.87
C GLU A 71 -25.28 -12.52 -2.80
N LYS A 72 -24.14 -11.89 -3.09
CA LYS A 72 -23.16 -12.49 -4.04
C LYS A 72 -21.75 -12.10 -3.57
N PHE A 73 -21.29 -12.81 -2.54
CA PHE A 73 -19.92 -12.59 -2.01
C PHE A 73 -18.92 -13.09 -3.06
N ARG A 74 -18.00 -12.20 -3.44
CA ARG A 74 -16.96 -12.55 -4.44
C ARG A 74 -15.74 -11.67 -4.16
N LEU A 75 -14.64 -11.98 -4.85
N LEU A 75 -14.63 -11.99 -4.82
CA LEU A 75 -13.40 -11.17 -4.73
CA LEU A 75 -13.42 -11.13 -4.73
C LEU A 75 -12.73 -11.09 -6.10
C LEU A 75 -12.74 -11.07 -6.09
N GLU A 76 -11.99 -9.99 -6.28
CA GLU A 76 -11.11 -9.80 -7.46
C GLU A 76 -9.69 -9.62 -6.91
N GLN A 77 -8.76 -10.39 -7.46
CA GLN A 77 -7.35 -10.34 -6.97
C GLN A 77 -6.46 -9.98 -8.16
N LYS A 78 -5.73 -8.87 -8.00
CA LYS A 78 -4.65 -8.51 -8.94
C LYS A 78 -3.31 -8.88 -8.29
N VAL A 79 -2.48 -9.59 -9.04
CA VAL A 79 -1.12 -9.98 -8.56
C VAL A 79 -0.11 -9.03 -9.22
N TYR A 80 0.58 -8.26 -8.38
CA TYR A 80 1.55 -7.24 -8.87
C TYR A 80 2.98 -7.71 -8.61
N PHE A 81 3.82 -7.51 -9.62
CA PHE A 81 5.30 -7.61 -9.46
C PHE A 81 5.93 -6.25 -9.72
N LYS A 82 6.48 -5.65 -8.66
CA LYS A 82 7.09 -4.29 -8.70
C LYS A 82 6.14 -3.31 -9.40
N GLY A 83 4.84 -3.42 -9.11
CA GLY A 83 3.84 -2.45 -9.60
C GLY A 83 3.30 -2.81 -10.97
N GLN A 84 3.72 -3.95 -11.52
CA GLN A 84 3.17 -4.46 -12.81
C GLN A 84 2.14 -5.55 -12.51
N CYS A 85 0.92 -5.36 -13.00
CA CYS A 85 -0.16 -6.37 -12.81
C CYS A 85 0.12 -7.57 -13.71
N LEU A 86 0.48 -8.71 -13.10
CA LEU A 86 0.81 -9.94 -13.87
C LEU A 86 -0.46 -10.78 -14.07
N GLU A 87 -1.31 -10.85 -13.05
CA GLU A 87 -2.47 -11.78 -13.09
C GLU A 87 -3.69 -11.08 -12.50
N GLU A 88 -4.86 -11.41 -13.06
CA GLU A 88 -6.16 -10.96 -12.48
C GLU A 88 -7.03 -12.19 -12.25
N TRP A 89 -7.38 -12.40 -10.98
CA TRP A 89 -8.21 -13.58 -10.60
CA TRP A 89 -8.20 -13.58 -10.58
C TRP A 89 -9.61 -13.12 -10.19
N PHE A 90 -10.58 -13.98 -10.46
CA PHE A 90 -11.98 -13.77 -10.00
C PHE A 90 -12.45 -15.04 -9.31
N PHE A 91 -13.00 -14.87 -8.10
CA PHE A 91 -13.58 -16.00 -7.34
C PHE A 91 -14.92 -15.55 -6.76
N GLU A 92 -15.90 -16.44 -6.87
CA GLU A 92 -17.26 -16.18 -6.32
C GLU A 92 -17.57 -17.21 -5.23
N PHE A 93 -18.03 -16.71 -4.08
CA PHE A 93 -18.62 -17.59 -3.03
C PHE A 93 -20.13 -17.69 -3.23
N GLY A 94 -20.79 -16.55 -3.43
CA GLY A 94 -22.25 -16.52 -3.58
C GLY A 94 -22.94 -16.03 -2.31
N PHE A 95 -24.11 -16.60 -2.03
CA PHE A 95 -24.97 -16.15 -0.92
C PHE A 95 -24.28 -16.45 0.42
N VAL A 96 -24.31 -15.44 1.30
CA VAL A 96 -23.71 -15.58 2.67
C VAL A 96 -24.84 -15.41 3.67
N ILE A 97 -25.16 -16.49 4.38
CA ILE A 97 -26.18 -16.44 5.47
C ILE A 97 -25.67 -15.48 6.54
N PRO A 98 -26.54 -14.58 7.05
CA PRO A 98 -26.11 -13.71 8.16
C PRO A 98 -25.68 -14.51 9.39
N ASN A 99 -24.60 -14.05 10.01
CA ASN A 99 -24.05 -14.61 11.27
C ASN A 99 -23.42 -15.99 11.00
N SER A 100 -23.13 -16.28 9.73
CA SER A 100 -22.57 -17.59 9.33
C SER A 100 -21.04 -17.56 9.45
N THR A 101 -20.48 -18.76 9.63
CA THR A 101 -19.02 -18.99 9.46
C THR A 101 -18.81 -20.03 8.36
N ASN A 102 -18.02 -19.68 7.35
CA ASN A 102 -17.96 -20.47 6.10
C ASN A 102 -16.50 -20.73 5.74
N THR A 103 -16.24 -21.94 5.25
CA THR A 103 -14.95 -22.26 4.62
C THR A 103 -15.09 -22.14 3.09
N TRP A 104 -14.25 -21.30 2.50
CA TRP A 104 -14.28 -21.04 1.04
C TRP A 104 -13.01 -21.62 0.42
N GLN A 105 -13.20 -22.57 -0.49
CA GLN A 105 -12.06 -23.26 -1.15
C GLN A 105 -12.02 -22.83 -2.61
N SER A 106 -10.80 -22.56 -3.10
CA SER A 106 -10.58 -22.24 -4.54
C SER A 106 -9.32 -22.96 -5.02
N LEU A 107 -9.36 -23.36 -6.29
CA LEU A 107 -8.19 -24.03 -6.93
C LEU A 107 -7.41 -22.97 -7.71
N ILE A 108 -6.11 -22.90 -7.43
CA ILE A 108 -5.20 -21.98 -8.17
C ILE A 108 -4.21 -22.83 -8.96
N GLU A 109 -4.37 -22.82 -10.29
CA GLU A 109 -3.45 -23.60 -11.17
C GLU A 109 -2.14 -22.82 -11.36
N ALA A 110 -1.03 -23.53 -11.20
CA ALA A 110 0.33 -22.93 -11.29
C ALA A 110 0.78 -22.91 -12.75
N ALA A 111 1.59 -21.90 -13.08
CA ALA A 111 2.29 -21.85 -14.38
C ALA A 111 3.43 -22.87 -14.37
N PRO A 112 3.84 -23.35 -15.58
CA PRO A 112 4.96 -24.28 -15.67
C PRO A 112 6.23 -23.77 -14.96
N GLU A 113 6.95 -24.72 -14.34
CA GLU A 113 8.26 -24.44 -13.72
C GLU A 113 9.13 -23.61 -14.67
N SER A 114 9.09 -23.92 -15.96
CA SER A 114 9.94 -23.25 -16.98
C SER A 114 9.43 -21.84 -17.27
N GLN A 115 8.16 -21.55 -16.96
CA GLN A 115 7.62 -20.17 -17.14
C GLN A 115 7.57 -19.42 -15.81
N MET A 116 7.58 -20.13 -14.68
CA MET A 116 7.47 -19.43 -13.37
C MET A 116 8.86 -19.02 -12.87
N MET A 117 8.87 -17.85 -12.21
CA MET A 117 10.09 -17.15 -11.74
C MET A 117 10.58 -17.75 -10.42
N PRO A 118 11.89 -17.62 -10.12
CA PRO A 118 12.44 -18.21 -8.90
C PRO A 118 12.02 -17.44 -7.65
N ALA A 119 11.99 -18.16 -6.52
CA ALA A 119 11.61 -17.60 -5.21
C ALA A 119 12.48 -16.39 -4.89
N SER A 120 13.78 -16.46 -5.18
CA SER A 120 14.75 -15.42 -4.77
C SER A 120 14.39 -14.10 -5.47
N VAL A 121 13.80 -14.17 -6.66
CA VAL A 121 13.43 -12.94 -7.40
C VAL A 121 12.05 -12.47 -6.95
N LEU A 122 11.15 -13.40 -6.65
CA LEU A 122 9.73 -13.04 -6.35
C LEU A 122 9.62 -12.42 -4.96
N THR A 123 10.33 -13.00 -3.98
CA THR A 123 10.05 -12.73 -2.54
C THR A 123 10.22 -11.23 -2.26
N GLY A 124 9.24 -10.64 -1.60
CA GLY A 124 9.26 -9.21 -1.24
C GLY A 124 8.82 -8.30 -2.39
N ASN A 125 8.60 -8.85 -3.59
CA ASN A 125 8.30 -8.02 -4.78
C ASN A 125 6.88 -8.27 -5.29
N VAL A 126 6.19 -9.24 -4.69
CA VAL A 126 4.80 -9.60 -5.12
C VAL A 126 3.81 -8.94 -4.16
N ILE A 127 2.87 -8.17 -4.73
CA ILE A 127 1.72 -7.62 -3.97
C ILE A 127 0.45 -8.26 -4.50
N ILE A 128 -0.34 -8.83 -3.59
CA ILE A 128 -1.73 -9.27 -3.93
C ILE A 128 -2.70 -8.20 -3.42
N GLU A 129 -3.40 -7.58 -4.37
CA GLU A 129 -4.48 -6.63 -4.03
C GLU A 129 -5.81 -7.38 -4.16
N THR A 130 -6.55 -7.46 -3.06
CA THR A 130 -7.84 -8.19 -3.04
C THR A 130 -8.97 -7.17 -2.82
N LYS A 131 -9.92 -7.15 -3.76
CA LYS A 131 -11.18 -6.38 -3.57
C LYS A 131 -12.28 -7.36 -3.17
N PHE A 132 -12.89 -7.11 -2.01
CA PHE A 132 -14.02 -7.92 -1.52
C PHE A 132 -15.33 -7.25 -1.95
N PHE A 133 -16.19 -8.02 -2.61
CA PHE A 133 -17.46 -7.49 -3.16
C PHE A 133 -18.66 -8.26 -2.60
N ASP A 134 -19.76 -7.52 -2.45
CA ASP A 134 -21.12 -8.11 -2.46
C ASP A 134 -21.78 -7.67 -3.77
N ASP A 135 -21.72 -8.54 -4.78
CA ASP A 135 -22.14 -8.18 -6.16
C ASP A 135 -21.31 -7.00 -6.65
N ASP A 136 -21.90 -5.81 -6.66
CA ASP A 136 -21.21 -4.57 -7.13
C ASP A 136 -20.77 -3.73 -5.94
N LEU A 137 -21.11 -4.14 -4.71
CA LEU A 137 -20.75 -3.33 -3.51
C LEU A 137 -19.30 -3.65 -3.13
N LEU A 138 -18.42 -2.66 -3.28
CA LEU A 138 -17.02 -2.81 -2.80
C LEU A 138 -17.01 -2.73 -1.28
N VAL A 139 -16.68 -3.84 -0.64
CA VAL A 139 -16.73 -3.91 0.85
C VAL A 139 -15.39 -3.45 1.43
N SER A 140 -14.30 -3.94 0.85
CA SER A 140 -12.94 -3.58 1.35
C SER A 140 -11.93 -3.90 0.26
N THR A 141 -10.80 -3.19 0.34
CA THR A 141 -9.62 -3.50 -0.49
C THR A 141 -8.46 -3.76 0.47
N SER A 142 -7.76 -4.87 0.26
CA SER A 142 -6.61 -5.24 1.13
C SER A 142 -5.40 -5.53 0.24
N ARG A 143 -4.21 -5.31 0.81
CA ARG A 143 -2.95 -5.56 0.08
C ARG A 143 -2.07 -6.45 0.96
N VAL A 144 -1.51 -7.49 0.34
CA VAL A 144 -0.60 -8.42 1.06
C VAL A 144 0.70 -8.50 0.26
N ARG A 145 1.80 -8.22 0.94
N ARG A 145 1.81 -8.21 0.94
CA ARG A 145 3.15 -8.41 0.34
CA ARG A 145 3.15 -8.40 0.32
C ARG A 145 3.63 -9.83 0.59
C ARG A 145 3.62 -9.84 0.59
N LEU A 146 4.08 -10.51 -0.47
CA LEU A 146 4.42 -11.95 -0.39
C LEU A 146 5.93 -12.11 -0.21
N PHE A 147 6.28 -12.94 0.76
CA PHE A 147 7.68 -13.41 0.95
C PHE A 147 7.69 -14.93 0.79
N TYR A 148 8.65 -15.40 -0.01
CA TYR A 148 8.83 -16.86 -0.22
C TYR A 148 10.06 -17.31 0.57
N VAL A 149 9.81 -18.07 1.65
CA VAL A 149 10.85 -18.37 2.67
C VAL A 149 11.08 -19.88 2.73
N LYS B 3 -12.92 9.26 -14.48
CA LYS B 3 -11.99 9.67 -13.39
C LYS B 3 -10.69 8.86 -13.49
N ASP B 4 -10.82 7.53 -13.59
CA ASP B 4 -9.64 6.63 -13.42
C ASP B 4 -8.66 6.80 -14.59
N GLU B 5 -9.11 7.28 -15.75
CA GLU B 5 -8.16 7.49 -16.88
C GLU B 5 -7.62 8.93 -16.86
N ARG B 6 -8.37 9.87 -16.29
CA ARG B 6 -7.80 11.22 -16.00
C ARG B 6 -6.63 11.04 -15.02
N ALA B 7 -6.83 10.25 -13.97
CA ALA B 7 -5.76 9.93 -13.00
C ALA B 7 -4.57 9.30 -13.74
N ARG B 8 -4.85 8.38 -14.66
CA ARG B 8 -3.76 7.68 -15.40
C ARG B 8 -3.08 8.67 -16.36
N GLU B 9 -3.85 9.60 -16.93
CA GLU B 9 -3.26 10.67 -17.78
C GLU B 9 -2.26 11.48 -16.96
N ILE B 10 -2.69 11.98 -15.80
CA ILE B 10 -1.82 12.84 -14.94
C ILE B 10 -0.58 12.03 -14.55
N LEU B 11 -0.78 10.77 -14.15
CA LEU B 11 0.35 9.95 -13.63
C LEU B 11 1.40 9.77 -14.73
N ARG B 12 0.98 9.45 -15.95
CA ARG B 12 1.93 9.16 -17.05
C ARG B 12 2.73 10.43 -17.37
N GLY B 13 2.11 11.60 -17.22
CA GLY B 13 2.76 12.88 -17.57
C GLY B 13 3.54 13.49 -16.42
N PHE B 14 3.42 12.91 -15.23
CA PHE B 14 4.04 13.49 -14.01
C PHE B 14 5.42 12.88 -13.78
N LYS B 15 6.37 13.75 -13.44
CA LYS B 15 7.73 13.29 -13.03
C LYS B 15 8.18 14.10 -11.82
N LEU B 16 8.70 13.40 -10.81
CA LEU B 16 9.38 14.05 -9.67
C LEU B 16 10.87 14.08 -9.97
N ASN B 17 11.42 15.28 -10.20
CA ASN B 17 12.80 15.43 -10.74
C ASN B 17 13.81 15.28 -9.61
N TRP B 18 13.62 16.05 -8.54
CA TRP B 18 14.56 15.98 -7.39
C TRP B 18 13.84 16.44 -6.14
N MET B 19 14.42 16.08 -4.99
CA MET B 19 13.84 16.46 -3.68
C MET B 19 14.99 16.64 -2.70
N ASN B 20 14.87 17.64 -1.83
CA ASN B 20 15.88 17.86 -0.77
C ASN B 20 15.17 18.02 0.58
N LEU B 21 15.91 17.75 1.65
CA LEU B 21 15.51 18.16 3.01
C LEU B 21 16.56 19.15 3.54
N ARG B 22 16.08 20.32 3.95
CA ARG B 22 16.99 21.40 4.44
C ARG B 22 16.71 21.69 5.92
N ASP B 23 17.77 22.06 6.64
CA ASP B 23 17.63 22.76 7.94
C ASP B 23 16.94 24.11 7.71
N ALA B 24 15.70 24.25 8.20
CA ALA B 24 14.90 25.48 7.97
C ALA B 24 15.60 26.69 8.58
N GLU B 25 16.44 26.50 9.61
CA GLU B 25 17.02 27.66 10.35
C GLU B 25 18.17 28.28 9.55
N THR B 26 18.94 27.44 8.85
CA THR B 26 20.14 27.89 8.12
C THR B 26 19.98 27.77 6.61
N GLY B 27 19.13 26.85 6.15
CA GLY B 27 19.00 26.57 4.70
C GLY B 27 20.01 25.55 4.24
N LYS B 28 20.84 25.04 5.15
CA LYS B 28 21.78 23.94 4.81
C LYS B 28 21.00 22.73 4.27
N ILE B 29 21.41 22.27 3.08
CA ILE B 29 20.85 21.02 2.49
C ILE B 29 21.42 19.81 3.22
N LEU B 30 20.54 19.05 3.87
CA LEU B 30 20.98 17.88 4.68
C LEU B 30 20.91 16.59 3.86
N TRP B 31 20.03 16.57 2.85
CA TRP B 31 19.76 15.32 2.09
C TRP B 31 19.13 15.74 0.76
N GLN B 32 19.61 15.14 -0.34
CA GLN B 32 18.96 15.40 -1.64
C GLN B 32 19.00 14.13 -2.50
N GLY B 33 17.94 13.96 -3.28
CA GLY B 33 17.84 12.80 -4.19
C GLY B 33 17.32 13.23 -5.54
N THR B 34 17.63 12.42 -6.55
CA THR B 34 17.02 12.57 -7.90
C THR B 34 16.19 11.35 -8.27
N GLU B 35 15.95 10.46 -7.30
CA GLU B 35 15.12 9.26 -7.58
C GLU B 35 13.64 9.65 -7.46
N ASP B 36 12.83 9.17 -8.41
CA ASP B 36 11.38 9.49 -8.43
C ASP B 36 10.68 8.67 -7.33
N LEU B 37 10.58 9.26 -6.13
CA LEU B 37 9.95 8.54 -5.00
C LEU B 37 8.42 8.55 -5.15
N SER B 38 7.92 9.07 -6.27
CA SER B 38 6.46 9.15 -6.55
C SER B 38 5.96 7.91 -7.31
N VAL B 39 6.88 7.06 -7.80
CA VAL B 39 6.50 5.87 -8.60
C VAL B 39 5.66 4.95 -7.73
N PRO B 40 4.40 4.65 -8.13
CA PRO B 40 3.55 3.77 -7.34
C PRO B 40 3.95 2.29 -7.46
N GLY B 41 3.49 1.49 -6.50
CA GLY B 41 3.54 0.02 -6.62
C GLY B 41 4.87 -0.53 -6.12
N VAL B 42 5.73 0.35 -5.61
CA VAL B 42 7.09 -0.06 -5.15
C VAL B 42 7.34 0.52 -3.76
N GLU B 43 8.05 -0.24 -2.94
CA GLU B 43 8.55 0.28 -1.64
C GLU B 43 9.90 0.96 -1.90
N HIS B 44 9.87 2.27 -2.11
CA HIS B 44 11.11 3.07 -2.17
C HIS B 44 11.81 3.05 -0.80
N GLU B 45 13.12 3.31 -0.84
CA GLU B 45 13.91 3.53 0.40
C GLU B 45 14.52 4.94 0.34
N ALA B 46 14.49 5.62 1.49
CA ALA B 46 15.20 6.90 1.68
C ALA B 46 16.08 6.81 2.92
N ARG B 47 17.35 7.18 2.76
CA ARG B 47 18.31 7.18 3.90
C ARG B 47 18.68 8.62 4.23
N VAL B 48 18.11 9.11 5.33
CA VAL B 48 18.34 10.53 5.76
C VAL B 48 19.28 10.50 6.95
N PRO B 49 20.10 11.55 7.13
CA PRO B 49 20.98 11.60 8.30
C PRO B 49 20.19 11.73 9.60
N LYS B 50 20.57 10.96 10.62
CA LYS B 50 19.91 11.03 11.94
C LYS B 50 20.00 12.45 12.49
N LYS B 51 20.98 13.25 12.05
CA LYS B 51 21.13 14.65 12.52
C LYS B 51 19.83 15.42 12.25
N ILE B 52 19.08 15.03 11.23
CA ILE B 52 17.86 15.80 10.82
C ILE B 52 16.90 15.91 12.01
N LEU B 53 16.88 14.90 12.89
CA LEU B 53 15.91 14.90 14.02
C LEU B 53 16.24 16.03 15.01
N LYS B 54 17.44 16.60 14.92
CA LYS B 54 17.84 17.69 15.85
C LYS B 54 17.32 19.06 15.37
N CYS B 55 16.92 19.14 14.10
CA CYS B 55 16.50 20.46 13.53
C CYS B 55 15.16 20.85 14.16
N LYS B 56 14.98 22.16 14.39
CA LYS B 56 13.70 22.67 14.94
C LYS B 56 12.62 22.61 13.86
N ALA B 57 13.02 22.80 12.60
CA ALA B 57 12.09 22.65 11.46
C ALA B 57 12.88 22.21 10.23
N VAL B 58 12.23 21.41 9.40
CA VAL B 58 12.83 20.96 8.12
C VAL B 58 11.96 21.49 6.98
N SER B 59 12.61 22.08 5.98
CA SER B 59 11.92 22.54 4.75
C SER B 59 12.24 21.52 3.65
N ARG B 60 11.19 20.92 3.09
CA ARG B 60 11.35 19.89 2.04
C ARG B 60 10.98 20.54 0.70
N GLU B 61 11.92 20.50 -0.25
CA GLU B 61 11.67 21.04 -1.61
C GLU B 61 11.41 19.87 -2.56
N LEU B 62 10.30 19.97 -3.29
CA LEU B 62 9.93 18.95 -4.31
C LEU B 62 9.85 19.64 -5.68
N ASN B 63 10.76 19.24 -6.58
CA ASN B 63 10.74 19.75 -7.97
C ASN B 63 10.12 18.69 -8.87
N PHE B 64 9.03 19.07 -9.56
CA PHE B 64 8.26 18.12 -10.38
C PHE B 64 7.88 18.79 -11.71
N SER B 65 7.71 17.92 -12.72
CA SER B 65 7.16 18.33 -14.04
C SER B 65 5.84 17.59 -14.24
N SER B 66 4.92 18.24 -14.96
CA SER B 66 3.59 17.65 -15.22
C SER B 66 3.11 18.11 -16.60
N THR B 67 2.95 17.16 -17.53
CA THR B 67 2.38 17.49 -18.86
C THR B 67 0.92 17.91 -18.71
N GLU B 68 0.21 17.30 -17.74
CA GLU B 68 -1.24 17.56 -17.59
C GLU B 68 -1.44 18.76 -16.66
N GLN B 69 -2.42 19.61 -17.01
CA GLN B 69 -2.90 20.66 -16.09
C GLN B 69 -3.49 20.01 -14.84
N MET B 70 -3.30 20.67 -13.70
CA MET B 70 -3.99 20.27 -12.45
C MET B 70 -4.58 21.53 -11.80
N GLU B 71 -5.80 21.40 -11.27
CA GLU B 71 -6.51 22.56 -10.69
C GLU B 71 -6.04 22.78 -9.26
N LYS B 72 -5.83 21.69 -8.52
CA LYS B 72 -5.41 21.77 -7.10
C LYS B 72 -4.51 20.58 -6.79
N PHE B 73 -3.25 20.69 -7.20
CA PHE B 73 -2.25 19.64 -6.89
C PHE B 73 -1.97 19.68 -5.39
N ARG B 74 -2.14 18.51 -4.76
CA ARG B 74 -1.90 18.40 -3.29
C ARG B 74 -1.49 16.96 -2.99
N LEU B 75 -1.06 16.75 -1.75
CA LEU B 75 -0.70 15.37 -1.34
C LEU B 75 -1.10 15.16 0.12
N GLU B 76 -1.36 13.90 0.44
CA GLU B 76 -1.59 13.47 1.84
C GLU B 76 -0.55 12.39 2.16
N GLN B 77 0.14 12.55 3.29
CA GLN B 77 1.18 11.59 3.70
C GLN B 77 0.78 11.04 5.07
N LYS B 78 0.59 9.72 5.12
CA LYS B 78 0.40 9.03 6.42
C LYS B 78 1.72 8.39 6.81
N VAL B 79 2.16 8.71 8.03
CA VAL B 79 3.47 8.22 8.55
C VAL B 79 3.20 7.02 9.45
N TYR B 80 3.75 5.87 9.03
CA TYR B 80 3.53 4.59 9.75
C TYR B 80 4.78 4.23 10.55
N PHE B 81 4.54 3.80 11.78
CA PHE B 81 5.55 3.08 12.60
C PHE B 81 5.10 1.62 12.72
N LYS B 82 5.88 0.71 12.15
CA LYS B 82 5.42 -0.68 11.88
C LYS B 82 4.11 -0.55 11.09
N GLY B 83 3.01 -1.17 11.55
CA GLY B 83 1.73 -1.08 10.83
C GLY B 83 0.83 0.03 11.36
N GLN B 84 1.31 0.84 12.29
CA GLN B 84 0.45 1.87 12.94
C GLN B 84 0.72 3.24 12.32
N CYS B 85 -0.34 3.87 11.82
CA CYS B 85 -0.27 5.27 11.30
C CYS B 85 -0.27 6.24 12.49
N LEU B 86 0.88 6.88 12.74
CA LEU B 86 1.02 7.82 13.90
C LEU B 86 0.74 9.26 13.46
N GLU B 87 1.06 9.62 12.22
CA GLU B 87 0.94 11.03 11.79
C GLU B 87 0.34 11.07 10.39
N GLU B 88 -0.44 12.13 10.13
CA GLU B 88 -0.95 12.38 8.76
C GLU B 88 -0.61 13.83 8.37
N TRP B 89 0.19 13.96 7.31
CA TRP B 89 0.62 15.30 6.81
C TRP B 89 -0.22 15.69 5.60
N PHE B 90 -0.49 16.99 5.48
CA PHE B 90 -1.26 17.53 4.33
C PHE B 90 -0.51 18.72 3.75
N PHE B 91 -0.32 18.69 2.42
CA PHE B 91 0.37 19.80 1.70
C PHE B 91 -0.36 20.11 0.40
N GLU B 92 -0.45 21.41 0.12
CA GLU B 92 -1.10 21.91 -1.12
C GLU B 92 -0.05 22.62 -1.99
N PHE B 93 -0.03 22.28 -3.28
CA PHE B 93 0.68 23.12 -4.28
C PHE B 93 -0.29 24.09 -4.96
N GLY B 94 -1.43 23.58 -5.43
CA GLY B 94 -2.40 24.41 -6.15
C GLY B 94 -2.37 24.17 -7.64
N PHE B 95 -2.60 25.25 -8.41
CA PHE B 95 -2.74 25.15 -9.89
C PHE B 95 -1.40 24.75 -10.51
N VAL B 96 -1.47 23.81 -11.45
CA VAL B 96 -0.26 23.35 -12.20
C VAL B 96 -0.49 23.62 -13.68
N ILE B 97 0.28 24.56 -14.23
CA ILE B 97 0.26 24.82 -15.70
C ILE B 97 0.71 23.56 -16.42
N PRO B 98 0.03 23.16 -17.52
CA PRO B 98 0.46 22.00 -18.30
C PRO B 98 1.88 22.18 -18.85
N ASN B 99 2.65 21.09 -18.78
CA ASN B 99 4.03 21.00 -19.32
C ASN B 99 5.00 21.87 -18.52
N SER B 100 4.60 22.29 -17.32
CA SER B 100 5.42 23.17 -16.45
C SER B 100 6.38 22.31 -15.62
N THR B 101 7.47 22.94 -15.17
CA THR B 101 8.37 22.38 -14.12
C THR B 101 8.37 23.32 -12.92
N ASN B 102 8.07 22.77 -11.75
CA ASN B 102 7.74 23.58 -10.55
C ASN B 102 8.57 23.08 -9.36
N THR B 103 9.02 24.04 -8.55
CA THR B 103 9.60 23.73 -7.22
C THR B 103 8.53 23.93 -6.15
N TRP B 104 8.29 22.86 -5.38
CA TRP B 104 7.25 22.86 -4.32
C TRP B 104 7.97 22.79 -2.97
N GLN B 105 7.75 23.81 -2.14
CA GLN B 105 8.40 23.88 -0.80
C GLN B 105 7.34 23.66 0.27
N SER B 106 7.69 22.86 1.28
CA SER B 106 6.79 22.64 2.45
C SER B 106 7.64 22.63 3.71
N LEU B 107 7.07 23.18 4.79
CA LEU B 107 7.77 23.20 6.10
C LEU B 107 7.24 22.07 6.97
N ILE B 108 8.18 21.29 7.51
CA ILE B 108 7.85 20.24 8.53
C ILE B 108 8.49 20.66 9.84
N GLU B 109 7.64 21.07 10.79
N GLU B 109 7.65 21.08 10.79
CA GLU B 109 8.15 21.55 12.11
CA GLU B 109 8.15 21.55 12.11
C GLU B 109 8.36 20.36 13.04
C GLU B 109 8.36 20.36 13.04
N ALA B 110 9.46 20.38 13.79
CA ALA B 110 9.75 19.33 14.79
C ALA B 110 8.81 19.50 15.98
N ALA B 111 8.40 18.35 16.54
CA ALA B 111 7.68 18.31 17.83
C ALA B 111 8.63 18.70 18.95
N PRO B 112 8.09 19.06 20.14
CA PRO B 112 8.96 19.36 21.28
C PRO B 112 10.06 18.31 21.48
N GLU B 113 11.24 18.81 21.87
CA GLU B 113 12.53 18.08 21.72
C GLU B 113 12.41 16.65 22.24
N SER B 114 11.97 16.44 23.48
CA SER B 114 12.01 15.08 24.09
C SER B 114 10.79 14.25 23.64
N GLN B 115 9.82 14.87 22.96
CA GLN B 115 8.66 14.09 22.43
C GLN B 115 9.02 13.52 21.05
N MET B 116 10.22 13.84 20.58
CA MET B 116 10.69 13.31 19.26
C MET B 116 11.20 11.89 19.48
N MET B 117 10.95 11.02 18.49
CA MET B 117 11.37 9.61 18.66
C MET B 117 12.83 9.47 18.24
N PRO B 118 13.57 8.53 18.86
CA PRO B 118 14.98 8.37 18.55
C PRO B 118 15.21 7.69 17.20
N ALA B 119 16.33 8.05 16.57
CA ALA B 119 16.72 7.49 15.25
C ALA B 119 16.78 5.96 15.33
N SER B 120 17.37 5.42 16.40
CA SER B 120 17.64 3.96 16.50
C SER B 120 16.31 3.20 16.53
N VAL B 121 15.25 3.83 17.05
CA VAL B 121 13.92 3.16 17.13
C VAL B 121 13.20 3.36 15.79
N LEU B 122 13.36 4.54 15.18
CA LEU B 122 12.60 4.88 13.94
C LEU B 122 13.19 4.13 12.74
N THR B 123 14.52 4.03 12.67
CA THR B 123 15.21 3.66 11.41
C THR B 123 14.74 2.28 10.95
N GLY B 124 14.36 2.18 9.68
CA GLY B 124 13.88 0.91 9.09
C GLY B 124 12.44 0.59 9.44
N ASN B 125 11.81 1.38 10.32
CA ASN B 125 10.45 1.03 10.84
C ASN B 125 9.42 2.07 10.40
N VAL B 126 9.86 3.16 9.76
CA VAL B 126 8.93 4.24 9.32
C VAL B 126 8.60 4.02 7.85
N ILE B 127 7.30 3.95 7.55
CA ILE B 127 6.80 3.97 6.15
C ILE B 127 5.99 5.25 5.98
N ILE B 128 6.34 6.04 4.97
CA ILE B 128 5.51 7.19 4.56
C ILE B 128 4.73 6.79 3.31
N GLU B 129 3.40 6.78 3.45
CA GLU B 129 2.49 6.52 2.32
C GLU B 129 1.99 7.86 1.80
N THR B 130 2.28 8.14 0.53
CA THR B 130 1.93 9.44 -0.08
C THR B 130 0.81 9.22 -1.10
N LYS B 131 -0.31 9.94 -0.90
CA LYS B 131 -1.37 10.02 -1.93
C LYS B 131 -1.26 11.36 -2.66
N PHE B 132 -1.09 11.29 -3.98
CA PHE B 132 -1.06 12.50 -4.84
C PHE B 132 -2.48 12.75 -5.37
N PHE B 133 -2.96 13.98 -5.18
CA PHE B 133 -4.34 14.36 -5.56
C PHE B 133 -4.31 15.52 -6.56
N ASP B 134 -5.33 15.52 -7.43
CA ASP B 134 -5.82 16.77 -8.08
C ASP B 134 -7.18 17.08 -7.46
N ASP B 135 -7.18 18.00 -6.50
CA ASP B 135 -8.38 18.30 -5.68
C ASP B 135 -8.82 17.03 -4.95
N ASP B 136 -9.89 16.39 -5.41
CA ASP B 136 -10.41 15.16 -4.77
C ASP B 136 -10.07 13.91 -5.57
N LEU B 137 -9.48 14.07 -6.77
CA LEU B 137 -9.18 12.88 -7.60
C LEU B 137 -7.82 12.30 -7.20
N LEU B 138 -7.84 11.05 -6.72
CA LEU B 138 -6.59 10.35 -6.34
C LEU B 138 -5.83 9.94 -7.60
N VAL B 139 -4.62 10.49 -7.75
CA VAL B 139 -3.81 10.23 -8.97
C VAL B 139 -2.92 9.01 -8.75
N SER B 140 -2.22 8.93 -7.62
CA SER B 140 -1.27 7.82 -7.38
C SER B 140 -0.98 7.71 -5.89
N THR B 141 -0.56 6.50 -5.49
CA THR B 141 -0.12 6.24 -4.09
C THR B 141 1.30 5.64 -4.15
N SER B 142 2.20 6.18 -3.33
CA SER B 142 3.60 5.71 -3.28
C SER B 142 3.98 5.42 -1.82
N ARG B 143 4.94 4.51 -1.65
CA ARG B 143 5.43 4.12 -0.30
C ARG B 143 6.95 4.29 -0.25
N VAL B 144 7.42 4.94 0.82
CA VAL B 144 8.88 5.11 1.06
C VAL B 144 9.19 4.61 2.47
N ARG B 145 10.21 3.74 2.56
CA ARG B 145 10.71 3.30 3.88
C ARG B 145 11.88 4.20 4.30
N LEU B 146 11.84 4.63 5.57
CA LEU B 146 12.80 5.67 6.05
C LEU B 146 13.85 4.99 6.92
N PHE B 147 15.12 5.32 6.64
CA PHE B 147 16.25 4.96 7.51
C PHE B 147 16.93 6.24 8.00
N TYR B 148 17.16 6.30 9.31
CA TYR B 148 17.85 7.45 9.92
C TYR B 148 19.28 7.03 10.29
N VAL B 149 20.24 7.47 9.46
CA VAL B 149 21.65 7.00 9.59
C VAL B 149 22.55 8.24 9.75
N GLY C 4 4.47 24.59 9.63
CA GLY C 4 3.57 24.03 8.58
C GLY C 4 2.95 22.73 9.04
N CYS C 5 3.80 21.74 9.36
CA CYS C 5 3.33 20.41 9.81
C CYS C 5 4.23 19.91 10.94
N MET C 6 3.60 19.44 12.01
CA MET C 6 4.35 18.99 13.21
C MET C 6 4.52 17.47 13.15
N SER C 7 5.72 17.02 13.53
CA SER C 7 6.09 15.58 13.44
C SER C 7 7.05 15.23 14.56
N CYS C 8 6.89 14.03 15.11
CA CYS C 8 7.89 13.43 16.03
C CYS C 8 8.88 12.54 15.26
N LYS C 9 8.76 12.52 13.93
CA LYS C 9 9.66 11.70 13.07
C LYS C 9 10.49 12.67 12.21
N CMT C 10 10.31 13.92 12.39
CA CMT C 10 11.12 14.64 11.43
C CMT C 10 11.44 15.96 12.06
O CMT C 10 10.60 16.76 12.44
CB CMT C 10 10.44 14.89 10.09
SG CMT C 10 11.28 16.19 9.15
OXT CMT C 10 12.85 16.26 12.21
C1 CMT C 10 13.20 17.44 12.91
C1 FAR D . -0.53 -19.49 -4.45
C2 FAR D . -0.96 -18.34 -3.60
C3 FAR D . -0.21 -17.69 -2.71
C5 FAR D . -0.77 -16.51 -1.97
C6 FAR D . -2.27 -16.58 -1.80
C7 FAR D . -2.84 -15.31 -1.24
C8 FAR D . -2.69 -14.81 -0.02
C9 FAR D . -3.30 -13.48 0.36
C11 FAR D . -4.62 -13.21 -0.34
C12 FAR D . -5.59 -12.50 0.55
C13 FAR D . -6.84 -12.83 0.82
C14 FAR D . -7.63 -12.18 1.92
C15 FAR D . -7.58 -13.89 0.06
C4 FAR D . 1.21 -18.05 -2.37
C10 FAR D . -1.93 -15.49 1.08
N CMT E . 3.19 -18.81 -7.52
CA CMT E . 2.64 -19.85 -6.68
C CMT E . 1.99 -20.90 -7.52
O CMT E . 0.92 -20.75 -8.09
CB CMT E . 1.55 -19.30 -5.77
SG CMT E . 0.50 -20.57 -5.05
OXT CMT E . 2.74 -22.14 -7.64
C1 CMT E . 2.11 -23.30 -7.10
C1 EDO F . -11.00 -17.47 -2.37
O1 EDO F . -10.46 -17.70 -3.65
C2 EDO F . -11.10 -18.72 -1.57
O2 EDO F . -9.84 -19.32 -1.38
C1 EDO G . -18.71 -23.78 4.22
O1 EDO G . -17.94 -24.21 5.32
C2 EDO G . -20.11 -23.50 4.60
O2 EDO G . -20.67 -22.47 3.80
C1 EDO H . -21.65 -19.94 14.52
O1 EDO H . -22.28 -18.93 15.28
C2 EDO H . -21.63 -19.63 13.07
O2 EDO H . -21.03 -18.37 12.81
C1 EDO I . 6.90 19.55 -0.97
O1 EDO I . 7.95 19.11 -0.13
C2 EDO I . 5.74 18.63 -0.94
O2 EDO I . 5.10 18.59 0.32
C1 EDO J . 5.85 27.61 -1.24
O1 EDO J . 6.55 28.61 -1.95
C2 EDO J . 5.17 26.65 -2.14
O2 EDO J . 6.06 26.08 -3.06
C1 FAR K . 12.17 15.51 7.99
C2 FAR K . 11.34 14.64 7.10
C3 FAR K . 11.41 13.31 7.05
C5 FAR K . 10.48 12.51 6.19
C6 FAR K . 10.09 13.15 4.87
C7 FAR K . 10.95 12.78 3.71
C8 FAR K . 10.60 12.09 2.62
C9 FAR K . 9.21 11.54 2.47
C11 FAR K . 8.76 11.23 1.05
C12 FAR K . 8.28 12.44 0.31
C13 FAR K . 7.60 12.48 -0.83
C14 FAR K . 7.10 13.76 -1.42
C15 FAR K . 7.27 11.26 -1.62
C4 FAR K . 12.41 12.51 7.83
C10 FAR K . 11.52 11.84 1.47
#